data_4OCR
#
_entry.id   4OCR
#
_cell.length_a   104.398
_cell.length_b   71.165
_cell.length_c   82.880
_cell.angle_alpha   90.00
_cell.angle_beta   93.34
_cell.angle_gamma   90.00
#
_symmetry.space_group_name_H-M   'C 1 2 1'
#
loop_
_entity.id
_entity.type
_entity.pdbx_description
1 polymer 'CAP256-VRC26.01 light chain'
2 polymer 'CAP256-VRC26.01 heavy chain'
3 water water
#
loop_
_entity_poly.entity_id
_entity_poly.type
_entity_poly.pdbx_seq_one_letter_code
_entity_poly.pdbx_strand_id
1 'polypeptide(L)'
;QSVLTQPPSVSAAPGQKVTISCSGSSSTIGNNYVSWYRLLPGTAPKLLIYKNDNRPSGIPDRFSGSKSGTSATLGISGLQ
TGDEADYYCGTWDTSLSGGGVFGTGTKVTVLGQPKANPTVTLFPPSSEELQANKATLVCLISDFYPGAVTVAWKADSSPV
KAGVETTTPSKQSNNKYAASSYLSLTPEQWKSHRSYSCQVTHEGSTVEKTVAPTECS
;
L
2 'polypeptide(L)'
;EVQVVESGGGVVQPGRSLRLSCTASGFTFSNFAMGWVRQAPGKGLEWVAFISSDGSNKNYGDSVKGRFTISRDNSKNTVF
LQMNSLRVEDTALYYCAKDVGDYKSDEWGTE(TYS)(TYS)DISISYPIQDPRAMVGAFDLWGQGTMVTVSPASTKGPSV
FPLAPSSKSTSGGTAALGCLVKDYFPEPVTVSWNSGALTSGVHTFPAVLQSSGLYSLSSVVTVPSSSLGTQTYICNVNHK
PSNTKVDKRVEPKSCDKGLEVLFQ
;
H
#
# COMPACT_ATOMS: atom_id res chain seq x y z
N SER A 2 -0.17 13.17 -14.36
CA SER A 2 0.46 12.66 -13.16
C SER A 2 0.09 11.21 -12.88
N VAL A 3 -0.64 10.58 -13.80
CA VAL A 3 -1.13 9.22 -13.61
C VAL A 3 -0.68 8.27 -14.72
N LEU A 4 0.20 7.33 -14.38
CA LEU A 4 0.50 6.22 -15.27
C LEU A 4 -0.33 5.02 -14.81
N THR A 5 -1.21 4.56 -15.68
CA THR A 5 -2.19 3.55 -15.33
C THR A 5 -1.71 2.17 -15.73
N GLN A 6 -1.80 1.24 -14.78
CA GLN A 6 -1.41 -0.15 -14.98
C GLN A 6 -2.56 -1.06 -14.58
N PRO A 7 -2.62 -2.27 -15.15
CA PRO A 7 -3.63 -3.20 -14.63
C PRO A 7 -3.29 -3.63 -13.20
N PRO A 8 -4.28 -3.84 -12.35
CA PRO A 8 -3.90 -4.16 -10.97
C PRO A 8 -3.33 -5.58 -10.80
N SER A 9 -3.71 -6.50 -11.68
CA SER A 9 -3.31 -7.90 -11.52
C SER A 9 -3.04 -8.54 -12.88
N VAL A 10 -1.92 -9.26 -12.98
CA VAL A 10 -1.71 -10.13 -14.12
C VAL A 10 -1.14 -11.43 -13.59
N SER A 11 -1.47 -12.54 -14.25
CA SER A 11 -1.09 -13.84 -13.74
C SER A 11 -0.98 -14.88 -14.84
N ALA A 12 -0.19 -15.91 -14.60
CA ALA A 12 -0.02 -17.01 -15.56
C ALA A 12 0.59 -18.15 -14.80
N ALA A 13 0.58 -19.33 -15.41
CA ALA A 13 1.19 -20.51 -14.80
C ALA A 13 2.71 -20.41 -14.90
N PRO A 14 3.45 -21.13 -14.05
CA PRO A 14 4.91 -21.15 -14.19
C PRO A 14 5.35 -21.53 -15.59
N GLY A 15 6.32 -20.82 -16.16
CA GLY A 15 6.81 -21.11 -17.50
C GLY A 15 6.17 -20.32 -18.62
N GLN A 16 5.06 -19.64 -18.33
CA GLN A 16 4.33 -18.88 -19.34
C GLN A 16 4.83 -17.44 -19.39
N LYS A 17 4.23 -16.63 -20.26
CA LYS A 17 4.67 -15.24 -20.40
C LYS A 17 3.54 -14.32 -20.02
N VAL A 18 3.85 -13.22 -19.34
CA VAL A 18 2.85 -12.18 -19.07
C VAL A 18 3.36 -10.86 -19.59
N THR A 19 2.45 -9.93 -19.84
CA THR A 19 2.84 -8.58 -20.20
C THR A 19 2.07 -7.63 -19.29
N ILE A 20 2.69 -6.50 -18.97
CA ILE A 20 2.09 -5.47 -18.13
C ILE A 20 2.12 -4.15 -18.87
N SER A 21 0.95 -3.56 -19.08
CA SER A 21 0.85 -2.28 -19.76
C SER A 21 0.96 -1.09 -18.80
N CYS A 22 1.36 0.04 -19.35
CA CYS A 22 1.49 1.28 -18.62
C CYS A 22 0.95 2.36 -19.54
N SER A 23 -0.18 2.97 -19.18
CA SER A 23 -0.87 3.94 -20.05
C SER A 23 -0.86 5.34 -19.48
N GLY A 24 -0.52 6.30 -20.33
CA GLY A 24 -0.49 7.71 -19.93
C GLY A 24 -0.85 8.59 -21.10
N SER A 25 -0.21 9.76 -21.18
CA SER A 25 -0.43 10.69 -22.28
C SER A 25 0.89 11.01 -22.99
N SER A 26 0.79 11.82 -24.04
CA SER A 26 1.95 12.21 -24.83
C SER A 26 2.93 13.03 -24.02
N SER A 27 2.42 13.80 -23.05
CA SER A 27 3.26 14.65 -22.22
C SER A 27 4.26 13.83 -21.41
N THR A 28 3.84 12.65 -20.99
CA THR A 28 4.65 11.77 -20.16
C THR A 28 5.28 10.64 -20.97
N ILE A 29 4.49 9.61 -21.27
CA ILE A 29 4.99 8.44 -21.97
C ILE A 29 5.46 8.75 -23.38
N GLY A 30 4.61 9.43 -24.15
CA GLY A 30 4.93 9.77 -25.53
C GLY A 30 6.33 10.34 -25.73
N ASN A 31 6.68 11.34 -24.93
CA ASN A 31 7.95 12.07 -25.10
C ASN A 31 9.14 11.57 -24.29
N ASN A 32 8.88 10.85 -23.20
CA ASN A 32 9.95 10.50 -22.26
C ASN A 32 10.24 9.00 -22.15
N TYR A 33 11.42 8.69 -21.65
CA TYR A 33 11.86 7.32 -21.48
C TYR A 33 11.04 6.67 -20.36
N VAL A 34 10.74 5.38 -20.53
CA VAL A 34 10.01 4.62 -19.51
C VAL A 34 10.95 3.62 -18.82
N SER A 35 10.82 3.53 -17.50
CA SER A 35 11.56 2.55 -16.71
C SER A 35 10.60 1.59 -16.04
N TRP A 36 11.08 0.41 -15.68
CA TRP A 36 10.28 -0.58 -14.95
C TRP A 36 11.05 -1.15 -13.76
N TYR A 37 10.33 -1.29 -12.65
CA TYR A 37 10.87 -1.77 -11.38
C TYR A 37 10.05 -2.91 -10.83
N ARG A 38 10.71 -3.74 -10.03
CA ARG A 38 10.09 -4.81 -9.29
C ARG A 38 10.28 -4.49 -7.82
N LEU A 39 9.24 -4.65 -7.02
CA LEU A 39 9.45 -4.62 -5.60
C LEU A 39 8.69 -5.69 -4.83
N LEU A 40 9.33 -6.09 -3.76
CA LEU A 40 8.91 -7.21 -2.97
C LEU A 40 9.26 -6.84 -1.54
N PRO A 41 8.31 -7.00 -0.60
CA PRO A 41 8.62 -6.62 0.78
C PRO A 41 9.92 -7.24 1.30
N GLY A 42 10.67 -6.45 2.05
CA GLY A 42 11.93 -6.89 2.61
C GLY A 42 13.01 -7.09 1.58
N THR A 43 12.87 -6.40 0.44
CA THR A 43 13.96 -6.30 -0.51
C THR A 43 14.06 -4.87 -1.04
N ALA A 44 15.25 -4.52 -1.52
CA ALA A 44 15.41 -3.25 -2.21
C ALA A 44 14.64 -3.37 -3.51
N PRO A 45 13.98 -2.30 -3.96
CA PRO A 45 13.45 -2.36 -5.32
C PRO A 45 14.54 -2.65 -6.34
N LYS A 46 14.14 -3.17 -7.49
CA LYS A 46 15.10 -3.58 -8.51
C LYS A 46 14.68 -3.05 -9.88
N LEU A 47 15.63 -2.44 -10.59
CA LEU A 47 15.39 -1.91 -11.91
C LEU A 47 15.46 -3.06 -12.90
N LEU A 48 14.46 -3.16 -13.78
CA LEU A 48 14.38 -4.22 -14.78
C LEU A 48 14.65 -3.70 -16.18
N ILE A 49 14.14 -2.51 -16.46
CA ILE A 49 14.22 -1.92 -17.80
C ILE A 49 14.37 -0.42 -17.63
N TYR A 50 15.22 0.20 -18.44
CA TYR A 50 15.24 1.66 -18.54
C TYR A 50 15.40 2.09 -19.99
N LYS A 51 15.13 3.37 -20.25
CA LYS A 51 15.13 3.92 -21.60
C LYS A 51 14.29 3.05 -22.55
N ASN A 52 13.09 2.71 -22.08
CA ASN A 52 12.08 1.97 -22.83
C ASN A 52 12.30 0.47 -22.94
N ASP A 53 13.52 0.06 -23.24
CA ASP A 53 13.75 -1.34 -23.57
C ASP A 53 15.17 -1.85 -23.28
N ASN A 54 15.93 -1.07 -22.53
CA ASN A 54 17.28 -1.49 -22.16
C ASN A 54 17.30 -2.22 -20.81
N ARG A 55 18.05 -3.31 -20.76
CA ARG A 55 18.23 -4.03 -19.50
C ARG A 55 19.51 -3.58 -18.83
N PRO A 56 19.44 -3.25 -17.53
CA PRO A 56 20.67 -2.95 -16.81
C PRO A 56 21.45 -4.24 -16.59
N SER A 57 22.72 -4.15 -16.23
CA SER A 57 23.55 -5.33 -16.04
C SER A 57 22.91 -6.29 -15.04
N GLY A 58 22.93 -7.57 -15.39
CA GLY A 58 22.46 -8.63 -14.50
C GLY A 58 21.01 -9.02 -14.70
N ILE A 59 20.27 -8.27 -15.51
CA ILE A 59 18.88 -8.61 -15.79
C ILE A 59 18.82 -9.51 -17.02
N PRO A 60 18.25 -10.71 -16.88
CA PRO A 60 18.23 -11.64 -18.02
C PRO A 60 17.23 -11.27 -19.09
N ASP A 61 17.37 -11.88 -20.27
CA ASP A 61 16.60 -11.47 -21.43
C ASP A 61 15.16 -11.96 -21.45
N ARG A 62 14.71 -12.67 -20.42
CA ARG A 62 13.28 -12.99 -20.34
C ARG A 62 12.46 -11.75 -19.96
N PHE A 63 13.14 -10.70 -19.51
CA PHE A 63 12.53 -9.40 -19.30
C PHE A 63 12.71 -8.51 -20.54
N SER A 64 11.61 -7.97 -21.04
CA SER A 64 11.67 -7.06 -22.18
C SER A 64 10.77 -5.86 -21.98
N GLY A 65 11.01 -4.83 -22.79
CA GLY A 65 10.27 -3.60 -22.68
C GLY A 65 10.04 -3.02 -24.05
N SER A 66 8.94 -2.28 -24.20
CA SER A 66 8.65 -1.59 -25.44
C SER A 66 7.70 -0.43 -25.15
N LYS A 67 7.57 0.46 -26.13
CA LYS A 67 6.78 1.67 -25.95
C LYS A 67 6.25 2.06 -27.32
N SER A 68 4.96 2.36 -27.39
CA SER A 68 4.38 2.88 -28.62
C SER A 68 3.24 3.82 -28.29
N GLY A 69 3.37 5.06 -28.77
CA GLY A 69 2.36 6.07 -28.55
C GLY A 69 2.29 6.46 -27.09
N THR A 70 1.14 6.24 -26.48
CA THR A 70 0.91 6.64 -25.09
C THR A 70 0.97 5.48 -24.10
N SER A 71 1.34 4.29 -24.57
CA SER A 71 1.44 3.13 -23.69
C SER A 71 2.76 2.38 -23.84
N ALA A 72 3.26 1.87 -22.72
CA ALA A 72 4.48 1.08 -22.70
C ALA A 72 4.17 -0.29 -22.12
N THR A 73 5.07 -1.23 -22.35
CA THR A 73 4.81 -2.61 -21.96
C THR A 73 6.05 -3.30 -21.45
N LEU A 74 5.88 -4.02 -20.34
CA LEU A 74 6.92 -4.90 -19.83
C LEU A 74 6.48 -6.33 -20.13
N GLY A 75 7.38 -7.14 -20.65
CA GLY A 75 7.15 -8.56 -20.80
C GLY A 75 8.06 -9.37 -19.90
N ILE A 76 7.49 -10.44 -19.34
CA ILE A 76 8.22 -11.40 -18.52
C ILE A 76 7.88 -12.79 -19.04
N SER A 77 8.85 -13.46 -19.65
CA SER A 77 8.64 -14.84 -20.06
C SER A 77 9.36 -15.78 -19.09
N GLY A 78 9.09 -17.07 -19.21
CA GLY A 78 9.67 -18.05 -18.31
C GLY A 78 9.27 -17.76 -16.86
N LEU A 79 8.02 -17.35 -16.67
CA LEU A 79 7.54 -16.95 -15.35
C LEU A 79 7.86 -17.99 -14.28
N GLN A 80 8.40 -17.52 -13.16
CA GLN A 80 8.72 -18.42 -12.07
C GLN A 80 8.37 -17.79 -10.75
N THR A 81 8.34 -18.61 -9.72
CA THR A 81 7.78 -18.21 -8.43
C THR A 81 8.37 -16.90 -7.92
N GLY A 82 9.69 -16.74 -8.08
CA GLY A 82 10.37 -15.54 -7.63
C GLY A 82 10.00 -14.26 -8.34
N ASP A 83 9.24 -14.38 -9.43
CA ASP A 83 8.72 -13.22 -10.14
C ASP A 83 7.45 -12.63 -9.49
N GLU A 84 6.90 -13.30 -8.49
CA GLU A 84 5.71 -12.75 -7.82
C GLU A 84 6.14 -11.56 -7.02
N ALA A 85 5.62 -10.40 -7.39
CA ALA A 85 6.03 -9.13 -6.82
C ALA A 85 5.12 -8.07 -7.38
N ASP A 86 5.35 -6.83 -6.94
CA ASP A 86 4.64 -5.67 -7.49
C ASP A 86 5.56 -4.98 -8.49
N TYR A 87 5.00 -4.64 -9.65
CA TYR A 87 5.76 -4.01 -10.72
C TYR A 87 5.26 -2.60 -10.98
N TYR A 88 6.17 -1.66 -11.20
CA TYR A 88 5.84 -0.26 -11.39
C TYR A 88 6.56 0.27 -12.61
N CYS A 89 5.84 0.97 -13.47
CA CYS A 89 6.49 1.74 -14.53
C CYS A 89 6.82 3.11 -13.97
N GLY A 90 7.63 3.87 -14.69
CA GLY A 90 8.03 5.18 -14.24
C GLY A 90 8.57 5.99 -15.39
N THR A 91 8.35 7.29 -15.31
CA THR A 91 8.92 8.21 -16.29
C THR A 91 9.15 9.54 -15.60
N TRP A 92 9.89 10.41 -16.27
CA TRP A 92 10.19 11.72 -15.72
C TRP A 92 10.04 12.75 -16.82
N ASP A 93 9.13 13.68 -16.61
CA ASP A 93 8.84 14.72 -17.58
C ASP A 93 9.62 15.95 -17.16
N THR A 94 10.79 16.09 -17.76
CA THR A 94 11.71 17.17 -17.44
C THR A 94 11.17 18.56 -17.79
N SER A 95 10.05 18.62 -18.50
CA SER A 95 9.43 19.90 -18.88
C SER A 95 8.54 20.46 -17.76
N LEU A 96 8.49 19.77 -16.63
CA LEU A 96 7.79 20.25 -15.45
C LEU A 96 8.78 20.27 -14.31
N SER A 97 8.53 21.13 -13.32
CA SER A 97 9.52 21.41 -12.29
C SER A 97 9.63 20.28 -11.26
N GLY A 98 8.57 19.50 -11.11
CA GLY A 98 8.55 18.42 -10.14
C GLY A 98 9.33 17.20 -10.60
N GLY A 99 9.38 16.20 -9.72
CA GLY A 99 10.11 14.98 -10.02
C GLY A 99 9.37 14.03 -10.95
N GLY A 100 9.91 12.83 -11.07
CA GLY A 100 9.32 11.79 -11.89
C GLY A 100 8.06 11.22 -11.28
N VAL A 101 7.42 10.36 -12.05
CA VAL A 101 6.19 9.73 -11.60
C VAL A 101 6.32 8.21 -11.77
N PHE A 102 5.60 7.48 -10.94
CA PHE A 102 5.54 6.03 -11.03
C PHE A 102 4.10 5.61 -11.29
N GLY A 103 3.92 4.45 -11.91
CA GLY A 103 2.61 3.94 -12.23
C GLY A 103 1.86 3.44 -11.03
N THR A 104 0.61 3.02 -11.26
CA THR A 104 -0.29 2.63 -10.17
C THR A 104 0.03 1.25 -9.59
N GLY A 105 0.86 0.48 -10.29
CA GLY A 105 1.33 -0.80 -9.78
C GLY A 105 0.55 -2.01 -10.26
N THR A 106 1.26 -3.13 -10.48
CA THR A 106 0.65 -4.39 -10.89
C THR A 106 1.21 -5.54 -10.04
N LYS A 107 0.32 -6.32 -9.43
CA LYS A 107 0.75 -7.54 -8.79
C LYS A 107 0.82 -8.62 -9.83
N VAL A 108 1.99 -9.22 -9.96
CA VAL A 108 2.13 -10.40 -10.80
C VAL A 108 2.02 -11.63 -9.92
N THR A 109 1.07 -12.50 -10.26
CA THR A 109 0.89 -13.76 -9.59
C THR A 109 1.30 -14.92 -10.49
N VAL A 110 2.10 -15.82 -9.91
CA VAL A 110 2.48 -17.06 -10.56
C VAL A 110 1.53 -18.14 -10.05
N LEU A 111 0.60 -18.56 -10.92
CA LEU A 111 -0.55 -19.33 -10.46
C LEU A 111 -0.14 -20.69 -9.91
N GLY A 112 -0.43 -20.92 -8.64
CA GLY A 112 -0.07 -22.12 -7.95
C GLY A 112 -1.25 -22.80 -7.28
N GLN A 113 -2.44 -22.26 -7.43
CA GLN A 113 -3.61 -22.85 -6.81
C GLN A 113 -4.82 -22.37 -7.58
N PRO A 114 -6.00 -22.95 -7.31
CA PRO A 114 -7.21 -22.56 -8.04
C PRO A 114 -7.58 -21.13 -7.75
N LYS A 115 -8.02 -20.42 -8.78
CA LYS A 115 -8.62 -19.11 -8.61
C LYS A 115 -9.84 -19.19 -7.72
N ALA A 116 -10.02 -18.17 -6.89
CA ALA A 116 -11.10 -18.13 -5.91
C ALA A 116 -11.67 -16.71 -5.88
N ASN A 117 -12.98 -16.62 -6.02
CA ASN A 117 -13.69 -15.35 -6.06
C ASN A 117 -13.96 -14.90 -4.65
N PRO A 118 -13.89 -13.59 -4.39
CA PRO A 118 -14.00 -13.15 -2.99
C PRO A 118 -15.41 -13.22 -2.42
N THR A 119 -15.45 -13.47 -1.12
CA THR A 119 -16.65 -13.28 -0.32
C THR A 119 -16.55 -11.90 0.31
N VAL A 120 -17.59 -11.09 0.15
CA VAL A 120 -17.57 -9.71 0.62
C VAL A 120 -18.63 -9.54 1.71
N THR A 121 -18.23 -8.96 2.85
CA THR A 121 -19.17 -8.67 3.92
C THR A 121 -19.03 -7.20 4.28
N LEU A 122 -20.14 -6.48 4.20
CA LEU A 122 -20.13 -5.05 4.45
C LEU A 122 -20.88 -4.79 5.74
N PHE A 123 -20.15 -4.26 6.72
CA PHE A 123 -20.71 -3.95 8.03
C PHE A 123 -21.01 -2.48 8.10
N PRO A 124 -22.25 -2.13 8.47
CA PRO A 124 -22.55 -0.72 8.73
C PRO A 124 -21.93 -0.30 10.05
N PRO A 125 -21.93 1.02 10.33
CA PRO A 125 -21.43 1.52 11.61
C PRO A 125 -22.19 0.88 12.76
N SER A 126 -21.50 0.41 13.81
CA SER A 126 -22.22 -0.17 14.93
C SER A 126 -22.94 0.95 15.68
N SER A 127 -24.02 0.60 16.35
CA SER A 127 -24.72 1.59 17.16
C SER A 127 -23.76 2.13 18.22
N GLU A 128 -22.89 1.26 18.73
CA GLU A 128 -21.89 1.67 19.73
C GLU A 128 -20.96 2.75 19.20
N GLU A 129 -20.42 2.54 17.99
CA GLU A 129 -19.55 3.54 17.39
C GLU A 129 -20.32 4.85 17.11
N LEU A 130 -21.57 4.72 16.64
CA LEU A 130 -22.39 5.90 16.37
C LEU A 130 -22.61 6.71 17.65
N GLN A 131 -22.84 6.01 18.76
CA GLN A 131 -22.99 6.68 20.05
C GLN A 131 -21.71 7.36 20.51
N ALA A 132 -20.57 6.91 19.99
CA ALA A 132 -19.27 7.55 20.22
C ALA A 132 -19.01 8.67 19.19
N ASN A 133 -20.03 9.01 18.42
CA ASN A 133 -19.97 10.08 17.42
C ASN A 133 -19.02 9.83 16.28
N LYS A 134 -18.90 8.56 15.90
CA LYS A 134 -18.11 8.18 14.73
C LYS A 134 -18.88 7.15 13.92
N ALA A 135 -18.43 6.93 12.69
CA ALA A 135 -19.13 6.05 11.79
C ALA A 135 -18.08 5.53 10.82
N THR A 136 -17.87 4.22 10.87
CA THR A 136 -16.96 3.56 9.95
C THR A 136 -17.73 2.42 9.29
N LEU A 137 -17.78 2.46 7.96
CA LEU A 137 -18.22 1.30 7.18
C LEU A 137 -17.01 0.39 6.97
N VAL A 138 -17.22 -0.89 7.22
CA VAL A 138 -16.15 -1.88 7.14
C VAL A 138 -16.50 -2.94 6.11
N CYS A 139 -15.70 -2.99 5.06
CA CYS A 139 -15.84 -3.93 3.96
C CYS A 139 -14.74 -4.99 4.06
N LEU A 140 -15.14 -6.18 4.46
CA LEU A 140 -14.20 -7.30 4.62
C LEU A 140 -14.34 -8.27 3.46
N ILE A 141 -13.19 -8.63 2.90
CA ILE A 141 -13.11 -9.32 1.64
C ILE A 141 -12.23 -10.52 1.89
N SER A 142 -12.75 -11.72 1.69
CA SER A 142 -11.97 -12.90 2.04
C SER A 142 -12.00 -14.00 0.98
N ASP A 143 -11.07 -14.94 1.15
CA ASP A 143 -11.05 -16.18 0.37
C ASP A 143 -10.95 -15.98 -1.14
N PHE A 144 -10.01 -15.12 -1.55
CA PHE A 144 -9.77 -14.91 -2.96
C PHE A 144 -8.34 -15.24 -3.38
N TYR A 145 -8.20 -15.53 -4.66
CA TYR A 145 -6.91 -15.79 -5.29
C TYR A 145 -7.11 -15.59 -6.78
N PRO A 146 -6.20 -14.89 -7.47
CA PRO A 146 -4.98 -14.24 -6.97
C PRO A 146 -5.25 -13.16 -5.94
N GLY A 147 -4.22 -12.85 -5.15
CA GLY A 147 -4.32 -11.90 -4.06
C GLY A 147 -4.21 -10.44 -4.50
N ALA A 148 -5.15 -10.00 -5.34
CA ALA A 148 -5.21 -8.61 -5.75
C ALA A 148 -6.67 -8.27 -5.99
N VAL A 149 -7.15 -7.16 -5.43
CA VAL A 149 -8.49 -6.65 -5.68
C VAL A 149 -8.45 -5.15 -5.80
N THR A 150 -9.50 -4.62 -6.41
CA THR A 150 -9.75 -3.19 -6.47
C THR A 150 -11.06 -2.93 -5.72
N VAL A 151 -11.07 -1.91 -4.86
CA VAL A 151 -12.25 -1.60 -4.05
C VAL A 151 -12.68 -0.18 -4.32
N ALA A 152 -13.98 0.02 -4.55
CA ALA A 152 -14.52 1.35 -4.76
C ALA A 152 -15.76 1.49 -3.90
N TRP A 153 -16.08 2.71 -3.51
CA TRP A 153 -17.21 2.95 -2.63
C TRP A 153 -18.17 3.89 -3.32
N LYS A 154 -19.47 3.71 -3.04
CA LYS A 154 -20.52 4.63 -3.49
C LYS A 154 -21.37 5.08 -2.31
N ALA A 155 -21.84 6.32 -2.39
CA ALA A 155 -22.86 6.82 -1.49
C ALA A 155 -24.07 7.06 -2.39
N ASP A 156 -25.16 6.34 -2.13
CA ASP A 156 -26.24 6.21 -3.08
C ASP A 156 -25.67 5.65 -4.39
N SER A 157 -25.69 6.44 -5.47
CA SER A 157 -25.11 5.99 -6.73
C SER A 157 -23.82 6.73 -7.09
N SER A 158 -23.31 7.57 -6.19
CA SER A 158 -22.14 8.40 -6.51
C SER A 158 -20.85 7.83 -5.94
N PRO A 159 -19.77 7.84 -6.73
CA PRO A 159 -18.49 7.39 -6.18
C PRO A 159 -17.97 8.29 -5.05
N VAL A 160 -17.40 7.65 -4.02
CA VAL A 160 -16.75 8.33 -2.90
C VAL A 160 -15.26 8.03 -2.92
N LYS A 161 -14.42 9.05 -2.86
CA LYS A 161 -12.97 8.83 -2.77
C LYS A 161 -12.46 9.20 -1.37
N ALA A 162 -13.00 10.28 -0.80
CA ALA A 162 -12.51 10.77 0.47
C ALA A 162 -12.92 9.85 1.60
N GLY A 163 -12.04 9.65 2.56
CA GLY A 163 -12.35 8.85 3.73
C GLY A 163 -12.10 7.36 3.57
N VAL A 164 -11.51 6.97 2.44
CA VAL A 164 -11.28 5.55 2.13
C VAL A 164 -9.86 5.10 2.46
N GLU A 165 -9.75 3.98 3.18
CA GLU A 165 -8.48 3.32 3.41
C GLU A 165 -8.65 1.82 3.15
N THR A 166 -7.72 1.23 2.39
CA THR A 166 -7.81 -0.18 2.00
C THR A 166 -6.48 -0.85 2.26
N THR A 167 -6.50 -2.03 2.86
CA THR A 167 -5.27 -2.71 3.18
C THR A 167 -4.83 -3.58 2.00
N THR A 168 -3.53 -3.81 1.92
CA THR A 168 -2.95 -4.73 0.94
C THR A 168 -3.35 -6.15 1.28
N PRO A 169 -3.72 -6.95 0.27
CA PRO A 169 -4.19 -8.30 0.60
C PRO A 169 -3.16 -9.11 1.41
N SER A 170 -3.68 -9.86 2.39
CA SER A 170 -2.87 -10.59 3.34
C SER A 170 -3.24 -12.06 3.22
N LYS A 171 -2.25 -12.96 3.29
CA LYS A 171 -2.52 -14.38 3.24
C LYS A 171 -3.29 -14.90 4.47
N GLN A 172 -4.32 -15.70 4.22
CA GLN A 172 -5.11 -16.34 5.28
C GLN A 172 -4.46 -17.67 5.64
N SER A 173 -4.97 -18.28 6.72
CA SER A 173 -4.44 -19.55 7.16
C SER A 173 -4.80 -20.69 6.20
N ASN A 174 -5.84 -20.52 5.37
CA ASN A 174 -6.12 -21.49 4.31
C ASN A 174 -5.40 -21.21 2.98
N ASN A 175 -4.44 -20.28 2.99
CA ASN A 175 -3.63 -19.92 1.81
C ASN A 175 -4.32 -19.11 0.68
N LYS A 176 -5.59 -18.78 0.89
CA LYS A 176 -6.22 -17.74 0.08
C LYS A 176 -5.91 -16.37 0.71
N TYR A 177 -6.38 -15.31 0.07
CA TYR A 177 -6.13 -13.95 0.51
C TYR A 177 -7.37 -13.25 1.04
N ALA A 178 -7.15 -12.25 1.88
CA ALA A 178 -8.20 -11.39 2.41
C ALA A 178 -7.73 -9.95 2.33
N ALA A 179 -8.68 -9.03 2.29
CA ALA A 179 -8.38 -7.59 2.37
C ALA A 179 -9.50 -6.87 3.08
N SER A 180 -9.23 -5.64 3.50
CA SER A 180 -10.22 -4.86 4.22
C SER A 180 -10.22 -3.46 3.65
N SER A 181 -11.38 -2.84 3.63
CA SER A 181 -11.50 -1.45 3.24
C SER A 181 -12.44 -0.76 4.21
N TYR A 182 -12.11 0.49 4.51
CA TYR A 182 -12.87 1.29 5.44
C TYR A 182 -13.32 2.60 4.82
N LEU A 183 -14.56 2.97 5.07
CA LEU A 183 -15.04 4.29 4.72
C LEU A 183 -15.44 5.00 5.99
N SER A 184 -14.70 6.07 6.32
CA SER A 184 -14.93 6.86 7.52
C SER A 184 -15.87 8.02 7.21
N LEU A 185 -16.96 8.09 7.95
CA LEU A 185 -17.98 9.12 7.75
C LEU A 185 -18.30 9.74 9.10
N THR A 186 -19.00 10.87 9.10
CA THR A 186 -19.63 11.36 10.33
C THR A 186 -20.97 10.66 10.49
N PRO A 187 -21.52 10.62 11.71
CA PRO A 187 -22.86 10.03 11.86
C PRO A 187 -23.92 10.73 10.98
N GLU A 188 -23.77 12.04 10.80
CA GLU A 188 -24.65 12.80 9.92
C GLU A 188 -24.60 12.29 8.47
N GLN A 189 -23.40 12.12 7.95
CA GLN A 189 -23.24 11.64 6.58
C GLN A 189 -23.90 10.27 6.43
N TRP A 190 -23.64 9.37 7.37
CA TRP A 190 -24.23 8.04 7.36
C TRP A 190 -25.75 8.11 7.26
N LYS A 191 -26.37 8.89 8.14
CA LYS A 191 -27.84 8.97 8.18
C LYS A 191 -28.41 9.83 7.03
N SER A 192 -27.54 10.57 6.34
CA SER A 192 -27.96 11.52 5.28
C SER A 192 -28.21 10.90 3.90
N HIS A 193 -27.81 9.65 3.72
CA HIS A 193 -27.90 8.99 2.42
C HIS A 193 -28.82 7.79 2.51
N ARG A 194 -29.40 7.38 1.39
CA ARG A 194 -30.28 6.21 1.37
C ARG A 194 -29.49 4.92 1.48
N SER A 195 -28.26 4.91 0.96
CA SER A 195 -27.42 3.72 1.05
C SER A 195 -25.96 4.00 0.78
N TYR A 196 -25.10 3.04 1.17
CA TYR A 196 -23.69 3.07 0.83
C TYR A 196 -23.33 1.68 0.30
N SER A 197 -22.40 1.63 -0.64
CA SER A 197 -21.99 0.37 -1.24
C SER A 197 -20.47 0.21 -1.30
N CYS A 198 -20.00 -1.03 -1.07
CA CYS A 198 -18.63 -1.45 -1.28
C CYS A 198 -18.59 -2.29 -2.55
N GLN A 199 -17.75 -1.93 -3.51
CA GLN A 199 -17.63 -2.65 -4.80
C GLN A 199 -16.26 -3.27 -4.93
N VAL A 200 -16.19 -4.60 -5.03
CA VAL A 200 -14.93 -5.32 -5.07
C VAL A 200 -14.74 -6.00 -6.41
N THR A 201 -13.68 -5.62 -7.11
CA THR A 201 -13.39 -6.16 -8.44
C THR A 201 -12.23 -7.15 -8.34
N HIS A 202 -12.43 -8.33 -8.93
CA HIS A 202 -11.46 -9.41 -8.91
C HIS A 202 -11.58 -10.19 -10.20
N GLU A 203 -10.53 -10.24 -10.99
CA GLU A 203 -10.51 -11.14 -12.18
C GLU A 203 -11.81 -11.15 -13.03
N GLY A 204 -12.27 -10.00 -13.49
CA GLY A 204 -13.42 -9.97 -14.39
C GLY A 204 -14.80 -10.03 -13.72
N SER A 205 -14.81 -10.02 -12.40
CA SER A 205 -16.06 -9.95 -11.68
C SER A 205 -16.02 -8.77 -10.68
N THR A 206 -17.14 -8.08 -10.55
CA THR A 206 -17.29 -7.11 -9.48
C THR A 206 -18.47 -7.55 -8.64
N VAL A 207 -18.25 -7.63 -7.33
CA VAL A 207 -19.29 -7.93 -6.37
C VAL A 207 -19.53 -6.65 -5.56
N GLU A 208 -20.79 -6.24 -5.49
CA GLU A 208 -21.15 -5.05 -4.73
C GLU A 208 -22.09 -5.41 -3.59
N LYS A 209 -21.74 -4.96 -2.39
CA LYS A 209 -22.63 -5.09 -1.24
C LYS A 209 -23.11 -3.70 -0.81
N THR A 210 -24.36 -3.63 -0.37
CA THR A 210 -24.98 -2.36 0.01
C THR A 210 -25.59 -2.45 1.41
N VAL A 211 -25.49 -1.36 2.18
CA VAL A 211 -26.15 -1.25 3.45
C VAL A 211 -26.86 0.09 3.51
N ALA A 212 -27.80 0.20 4.44
CA ALA A 212 -28.65 1.39 4.51
C ALA A 212 -28.95 1.71 5.96
N PRO A 213 -28.92 3.00 6.31
CA PRO A 213 -29.19 3.36 7.71
C PRO A 213 -30.58 2.94 8.13
N THR A 214 -31.49 2.83 7.15
CA THR A 214 -32.90 2.57 7.40
C THR A 214 -33.25 1.09 7.47
N GLU A 215 -32.27 0.22 7.23
CA GLU A 215 -32.51 -1.22 7.15
C GLU A 215 -31.61 -1.98 8.12
N CYS A 216 -32.07 -3.14 8.57
CA CYS A 216 -31.23 -4.07 9.31
C CYS A 216 -30.53 -5.03 8.32
N SER A 217 -29.26 -4.75 8.05
CA SER A 217 -28.46 -5.54 7.11
C SER A 217 -28.28 -6.99 7.60
N GLU B 1 31.11 -4.78 -4.52
CA GLU B 1 29.86 -4.49 -5.26
C GLU B 1 29.31 -3.13 -4.83
N VAL B 2 28.44 -2.58 -5.67
CA VAL B 2 27.77 -1.34 -5.33
C VAL B 2 26.78 -1.57 -4.19
N GLN B 3 26.77 -0.64 -3.24
CA GLN B 3 25.86 -0.71 -2.10
C GLN B 3 25.47 0.71 -1.68
N VAL B 4 24.34 0.78 -1.01
CA VAL B 4 23.74 2.01 -0.55
C VAL B 4 23.00 1.68 0.74
N VAL B 5 23.18 2.50 1.78
CA VAL B 5 22.58 2.23 3.09
C VAL B 5 22.04 3.50 3.73
N GLU B 6 20.74 3.51 4.01
CA GLU B 6 20.08 4.65 4.65
C GLU B 6 20.10 4.55 6.17
N SER B 7 19.93 5.70 6.81
CA SER B 7 19.74 5.73 8.26
C SER B 7 19.04 7.01 8.66
N GLY B 8 18.57 7.05 9.90
CA GLY B 8 18.05 8.27 10.48
C GLY B 8 16.57 8.22 10.72
N GLY B 9 15.91 7.17 10.25
CA GLY B 9 14.49 7.03 10.40
C GLY B 9 14.09 6.81 11.84
N GLY B 10 12.81 6.95 12.13
CA GLY B 10 12.34 6.86 13.50
C GLY B 10 10.92 7.37 13.59
N VAL B 11 10.45 7.54 14.82
CA VAL B 11 9.12 8.08 15.08
C VAL B 11 9.28 9.53 15.52
N VAL B 12 8.53 10.44 14.88
CA VAL B 12 8.68 11.87 15.12
C VAL B 12 7.32 12.57 15.11
N GLN B 13 7.21 13.66 15.86
CA GLN B 13 5.94 14.39 15.97
C GLN B 13 5.76 15.33 14.78
N PRO B 14 4.50 15.60 14.40
CA PRO B 14 4.28 16.59 13.33
C PRO B 14 4.92 17.93 13.68
N GLY B 15 5.40 18.64 12.68
CA GLY B 15 6.02 19.93 12.88
C GLY B 15 7.52 19.84 13.04
N ARG B 16 8.00 18.71 13.56
CA ARG B 16 9.42 18.55 13.82
C ARG B 16 10.20 18.17 12.58
N SER B 17 11.52 18.10 12.74
CA SER B 17 12.42 17.88 11.64
C SER B 17 13.17 16.58 11.84
N LEU B 18 13.69 16.04 10.75
CA LEU B 18 14.42 14.79 10.77
C LEU B 18 15.36 14.81 9.58
N ARG B 19 16.54 14.28 9.79
CA ARG B 19 17.54 14.22 8.74
C ARG B 19 17.91 12.77 8.47
N LEU B 20 17.73 12.35 7.23
CA LEU B 20 18.11 11.02 6.80
C LEU B 20 19.45 11.12 6.08
N SER B 21 20.24 10.05 6.19
CA SER B 21 21.52 9.98 5.52
C SER B 21 21.59 8.69 4.72
N CYS B 22 22.34 8.74 3.64
CA CYS B 22 22.58 7.60 2.78
C CYS B 22 24.06 7.54 2.43
N THR B 23 24.71 6.43 2.75
CA THR B 23 26.12 6.27 2.39
C THR B 23 26.26 5.26 1.27
N ALA B 24 27.08 5.60 0.28
CA ALA B 24 27.28 4.76 -0.89
C ALA B 24 28.70 4.21 -0.92
N SER B 25 28.88 3.05 -1.53
CA SER B 25 30.19 2.44 -1.69
C SER B 25 30.23 1.58 -2.94
N GLY B 26 31.42 1.31 -3.45
CA GLY B 26 31.60 0.37 -4.54
C GLY B 26 31.49 0.96 -5.93
N PHE B 27 31.26 2.27 -6.02
CA PHE B 27 31.27 2.95 -7.31
C PHE B 27 31.78 4.37 -7.10
N THR B 28 32.10 5.03 -8.20
CA THR B 28 32.55 6.42 -8.16
C THR B 28 31.35 7.33 -7.93
N PHE B 29 31.22 7.81 -6.69
CA PHE B 29 29.99 8.43 -6.20
C PHE B 29 29.71 9.70 -6.97
N SER B 30 30.77 10.45 -7.29
CA SER B 30 30.66 11.73 -7.97
C SER B 30 30.31 11.62 -9.45
N ASN B 31 30.16 10.42 -9.99
CA ASN B 31 29.75 10.24 -11.39
C ASN B 31 28.25 10.00 -11.57
N PHE B 32 27.51 10.01 -10.47
CA PHE B 32 26.09 9.69 -10.54
C PHE B 32 25.21 10.62 -9.72
N ALA B 33 24.05 10.91 -10.29
CA ALA B 33 22.97 11.57 -9.56
C ALA B 33 22.43 10.60 -8.52
N MET B 34 21.81 11.14 -7.47
CA MET B 34 21.22 10.32 -6.42
C MET B 34 19.82 10.84 -6.11
N GLY B 35 18.97 10.00 -5.57
CA GLY B 35 17.62 10.44 -5.22
C GLY B 35 17.04 9.74 -4.02
N TRP B 36 15.95 10.31 -3.52
CA TRP B 36 15.16 9.71 -2.47
C TRP B 36 13.77 9.45 -3.02
N VAL B 37 13.25 8.28 -2.71
CA VAL B 37 11.93 7.82 -3.13
C VAL B 37 11.29 7.19 -1.89
N ARG B 38 9.99 7.38 -1.73
CA ARG B 38 9.30 6.85 -0.57
C ARG B 38 8.09 6.01 -0.95
N GLN B 39 7.70 5.13 -0.03
CA GLN B 39 6.50 4.33 -0.21
C GLN B 39 5.83 4.16 1.14
N ALA B 40 4.60 4.64 1.23
CA ALA B 40 3.80 4.43 2.42
C ALA B 40 3.13 3.05 2.33
N PRO B 41 2.98 2.36 3.48
CA PRO B 41 2.31 1.05 3.48
C PRO B 41 0.97 1.09 2.76
N GLY B 42 0.79 0.18 1.80
CA GLY B 42 -0.47 0.08 1.09
C GLY B 42 -0.61 1.08 -0.04
N LYS B 43 0.44 1.83 -0.30
CA LYS B 43 0.40 2.86 -1.34
C LYS B 43 1.55 2.66 -2.32
N GLY B 44 1.65 3.55 -3.30
CA GLY B 44 2.62 3.42 -4.35
C GLY B 44 3.93 4.14 -4.09
N LEU B 45 4.78 4.13 -5.10
CA LEU B 45 6.07 4.77 -5.03
C LEU B 45 5.94 6.25 -5.37
N GLU B 46 6.64 7.08 -4.61
CA GLU B 46 6.60 8.52 -4.77
C GLU B 46 8.02 9.11 -4.75
N TRP B 47 8.34 9.83 -5.80
CA TRP B 47 9.60 10.56 -5.93
C TRP B 47 9.64 11.69 -4.89
N VAL B 48 10.73 11.78 -4.14
CA VAL B 48 10.85 12.78 -3.07
C VAL B 48 11.81 13.88 -3.48
N ALA B 49 13.02 13.50 -3.86
CA ALA B 49 14.06 14.47 -4.24
C ALA B 49 15.15 13.82 -5.07
N PHE B 50 15.84 14.63 -5.86
CA PHE B 50 16.83 14.16 -6.81
C PHE B 50 17.91 15.22 -6.88
N ILE B 51 19.17 14.79 -6.95
CA ILE B 51 20.30 15.71 -6.97
C ILE B 51 21.38 15.22 -7.94
N SER B 52 21.88 16.14 -8.76
CA SER B 52 22.92 15.82 -9.73
C SER B 52 24.22 15.43 -9.05
N SER B 53 25.09 14.80 -9.82
CA SER B 53 26.41 14.36 -9.37
C SER B 53 27.19 15.44 -8.64
N ASP B 54 27.17 16.66 -9.17
CA ASP B 54 27.95 17.75 -8.60
C ASP B 54 27.21 18.49 -7.49
N GLY B 55 25.94 18.18 -7.30
CA GLY B 55 25.16 18.78 -6.24
C GLY B 55 24.47 20.08 -6.61
N SER B 56 24.65 20.52 -7.85
CA SER B 56 24.14 21.84 -8.25
C SER B 56 22.66 21.82 -8.62
N ASN B 57 22.22 20.72 -9.23
CA ASN B 57 20.87 20.64 -9.79
C ASN B 57 20.01 19.73 -8.93
N LYS B 58 18.93 20.29 -8.37
CA LYS B 58 18.03 19.55 -7.51
C LYS B 58 16.59 19.62 -8.03
N ASN B 59 15.80 18.60 -7.71
CA ASN B 59 14.36 18.71 -7.87
C ASN B 59 13.63 17.90 -6.83
N TYR B 60 12.35 18.20 -6.66
CA TYR B 60 11.56 17.67 -5.56
C TYR B 60 10.20 17.20 -6.02
N GLY B 61 9.66 16.21 -5.33
CA GLY B 61 8.29 15.80 -5.55
C GLY B 61 7.37 16.89 -5.04
N ASP B 62 6.20 17.00 -5.66
CA ASP B 62 5.26 18.08 -5.37
C ASP B 62 4.87 18.13 -3.90
N SER B 63 4.72 16.96 -3.29
CA SER B 63 4.22 16.88 -1.92
C SER B 63 5.21 17.36 -0.87
N VAL B 64 6.49 17.58 -1.27
CA VAL B 64 7.52 17.92 -0.29
C VAL B 64 8.27 19.23 -0.58
N LYS B 65 7.97 19.87 -1.72
CA LYS B 65 8.58 21.16 -2.06
C LYS B 65 8.55 22.14 -0.90
N GLY B 66 9.66 22.83 -0.69
CA GLY B 66 9.70 23.87 0.30
C GLY B 66 9.71 23.38 1.73
N ARG B 67 9.75 22.06 1.93
CA ARG B 67 9.82 21.49 3.26
C ARG B 67 11.02 20.56 3.38
N PHE B 68 11.36 19.87 2.29
CA PHE B 68 12.49 18.96 2.28
C PHE B 68 13.64 19.55 1.48
N THR B 69 14.87 19.21 1.86
CA THR B 69 16.06 19.62 1.11
C THR B 69 16.97 18.44 0.93
N ILE B 70 17.47 18.26 -0.29
CA ILE B 70 18.45 17.23 -0.55
C ILE B 70 19.83 17.84 -0.71
N SER B 71 20.85 17.13 -0.25
CA SER B 71 22.24 17.57 -0.42
C SER B 71 23.14 16.36 -0.45
N ARG B 72 24.38 16.57 -0.87
CA ARG B 72 25.36 15.48 -0.89
C ARG B 72 26.74 16.00 -0.53
N ASP B 73 27.58 15.10 -0.04
CA ASP B 73 28.97 15.43 0.30
C ASP B 73 29.83 14.42 -0.43
N ASN B 74 30.40 14.83 -1.55
CA ASN B 74 31.14 13.90 -2.40
C ASN B 74 32.45 13.41 -1.80
N SER B 75 32.97 14.15 -0.81
CA SER B 75 34.17 13.72 -0.11
C SER B 75 33.87 12.63 0.92
N LYS B 76 32.58 12.35 1.14
CA LYS B 76 32.14 11.40 2.16
C LYS B 76 31.13 10.37 1.64
N ASN B 77 30.92 10.35 0.33
CA ASN B 77 29.97 9.43 -0.30
C ASN B 77 28.63 9.42 0.43
N THR B 78 28.14 10.60 0.80
CA THR B 78 26.88 10.67 1.54
C THR B 78 25.87 11.60 0.88
N VAL B 79 24.60 11.16 0.86
CA VAL B 79 23.49 12.01 0.47
C VAL B 79 22.59 12.20 1.69
N PHE B 80 22.06 13.41 1.83
CA PHE B 80 21.23 13.76 2.96
C PHE B 80 19.86 14.18 2.49
N LEU B 81 18.87 13.93 3.34
CA LEU B 81 17.53 14.47 3.14
C LEU B 81 17.11 15.13 4.44
N GLN B 82 17.07 16.47 4.41
CA GLN B 82 16.60 17.24 5.53
C GLN B 82 15.09 17.37 5.40
N MET B 83 14.37 16.87 6.39
CA MET B 83 12.92 16.86 6.35
C MET B 83 12.40 17.84 7.38
N ASN B 84 11.78 18.92 6.94
CA ASN B 84 11.17 19.89 7.86
C ASN B 84 9.65 19.88 7.77
N SER B 85 9.02 20.38 8.84
CA SER B 85 7.56 20.59 8.87
C SER B 85 6.81 19.29 8.55
N LEU B 86 7.25 18.21 9.19
CA LEU B 86 6.71 16.87 8.91
C LEU B 86 5.22 16.77 9.21
N ARG B 87 4.54 15.93 8.42
CA ARG B 87 3.11 15.68 8.54
C ARG B 87 2.90 14.17 8.70
N VAL B 88 1.75 13.77 9.26
CA VAL B 88 1.41 12.36 9.38
C VAL B 88 1.54 11.67 8.02
N GLU B 89 1.12 12.39 6.98
CA GLU B 89 1.14 11.88 5.60
C GLU B 89 2.54 11.70 5.01
N ASP B 90 3.59 12.12 5.72
CA ASP B 90 4.97 11.84 5.28
C ASP B 90 5.43 10.46 5.78
N THR B 91 4.59 9.79 6.57
CA THR B 91 4.89 8.46 7.06
C THR B 91 5.15 7.54 5.85
N ALA B 92 6.34 6.93 5.80
CA ALA B 92 6.71 6.07 4.70
C ALA B 92 8.06 5.40 4.93
N LEU B 93 8.35 4.39 4.11
CA LEU B 93 9.71 3.85 3.99
C LEU B 93 10.43 4.73 2.98
N TYR B 94 11.58 5.26 3.38
CA TYR B 94 12.35 6.16 2.53
C TYR B 94 13.57 5.43 1.97
N TYR B 95 13.64 5.35 0.64
CA TYR B 95 14.77 4.72 -0.05
C TYR B 95 15.72 5.76 -0.57
N CYS B 96 17.01 5.51 -0.39
CA CYS B 96 18.04 6.23 -1.13
C CYS B 96 18.32 5.41 -2.39
N ALA B 97 18.53 6.08 -3.52
CA ALA B 97 18.75 5.38 -4.79
C ALA B 97 19.78 6.06 -5.70
N LYS B 98 20.48 5.23 -6.45
CA LYS B 98 21.51 5.70 -7.35
C LYS B 98 20.98 5.73 -8.77
N ASP B 99 21.15 6.86 -9.44
CA ASP B 99 20.78 7.00 -10.85
C ASP B 99 21.66 6.09 -11.71
N VAL B 100 21.07 5.53 -12.76
CA VAL B 100 21.82 4.62 -13.63
C VAL B 100 22.94 5.34 -14.38
N GLY B 101 22.82 6.65 -14.56
CA GLY B 101 23.80 7.42 -15.31
C GLY B 101 23.85 7.06 -16.78
N ASP B 102 24.84 7.59 -17.49
CA ASP B 102 24.96 7.32 -18.92
C ASP B 102 26.35 7.72 -19.37
N TYR B 103 26.72 7.36 -20.60
CA TYR B 103 28.06 7.65 -21.11
C TYR B 103 28.12 8.94 -21.92
N LYS B 104 29.34 9.29 -22.34
CA LYS B 104 29.54 10.42 -23.24
C LYS B 104 29.40 9.99 -24.69
N SER B 105 28.60 10.73 -25.44
CA SER B 105 28.36 10.45 -26.86
C SER B 105 29.41 11.15 -27.73
N PRO B 120 33.64 3.87 -24.33
CA PRO B 120 32.52 4.24 -23.45
C PRO B 120 32.99 4.80 -22.10
N ILE B 121 32.78 6.08 -21.86
CA ILE B 121 33.19 6.71 -20.60
C ILE B 121 31.99 7.34 -19.88
N GLN B 122 32.08 7.37 -18.55
CA GLN B 122 30.97 7.82 -17.71
C GLN B 122 30.86 9.33 -17.69
N ASP B 123 29.63 9.81 -17.92
CA ASP B 123 29.34 11.24 -17.99
C ASP B 123 28.71 11.69 -16.66
N PRO B 124 29.48 12.37 -15.79
CA PRO B 124 28.95 12.77 -14.49
C PRO B 124 27.78 13.76 -14.53
N ARG B 125 27.50 14.33 -15.70
CA ARG B 125 26.42 15.31 -15.83
C ARG B 125 25.09 14.64 -16.11
N ALA B 126 25.11 13.32 -16.35
CA ALA B 126 23.90 12.55 -16.65
C ALA B 126 22.83 12.65 -15.57
N MET B 127 21.58 12.73 -16.01
CA MET B 127 20.42 12.66 -15.13
C MET B 127 19.36 11.89 -15.87
N VAL B 128 19.26 10.58 -15.61
CA VAL B 128 18.35 9.74 -16.37
C VAL B 128 17.01 9.62 -15.67
N GLY B 129 17.02 9.59 -14.35
CA GLY B 129 15.77 9.45 -13.61
C GLY B 129 15.32 8.00 -13.53
N ALA B 130 16.27 7.09 -13.71
CA ALA B 130 16.05 5.67 -13.53
C ALA B 130 17.11 5.18 -12.56
N PHE B 131 16.68 4.48 -11.52
CA PHE B 131 17.53 4.16 -10.40
C PHE B 131 17.92 2.69 -10.46
N ASP B 132 19.19 2.38 -10.69
CA ASP B 132 19.59 0.99 -10.82
C ASP B 132 20.10 0.38 -9.52
N LEU B 133 20.16 1.19 -8.47
CA LEU B 133 20.52 0.67 -7.16
C LEU B 133 19.75 1.38 -6.06
N TRP B 134 19.00 0.61 -5.27
CA TRP B 134 18.19 1.12 -4.17
C TRP B 134 18.62 0.49 -2.86
N GLY B 135 18.52 1.25 -1.78
CA GLY B 135 18.72 0.70 -0.46
C GLY B 135 17.49 -0.04 0.02
N GLN B 136 17.60 -0.67 1.19
CA GLN B 136 16.47 -1.37 1.82
C GLN B 136 15.48 -0.39 2.44
N GLY B 137 15.94 0.83 2.67
CA GLY B 137 15.09 1.90 3.14
C GLY B 137 15.15 2.11 4.64
N THR B 138 14.78 3.31 5.07
CA THR B 138 14.65 3.62 6.48
C THR B 138 13.23 4.12 6.75
N MET B 139 12.58 3.59 7.79
CA MET B 139 11.19 3.91 8.05
C MET B 139 11.03 5.21 8.84
N VAL B 140 10.10 6.06 8.39
CA VAL B 140 9.75 7.28 9.12
C VAL B 140 8.27 7.25 9.43
N THR B 141 7.93 7.36 10.72
CA THR B 141 6.54 7.46 11.15
C THR B 141 6.34 8.81 11.83
N VAL B 142 5.32 9.53 11.36
CA VAL B 142 5.00 10.84 11.91
C VAL B 142 3.63 10.77 12.59
N SER B 143 3.60 11.02 13.89
CA SER B 143 2.35 10.99 14.64
C SER B 143 2.42 11.90 15.87
N PRO B 144 1.33 12.59 16.20
CA PRO B 144 1.32 13.39 17.43
C PRO B 144 0.99 12.58 18.68
N ALA B 145 0.68 11.30 18.51
CA ALA B 145 0.11 10.52 19.61
C ALA B 145 1.12 10.04 20.64
N SER B 146 0.71 10.06 21.90
CA SER B 146 1.39 9.29 22.95
C SER B 146 0.83 7.89 22.90
N THR B 147 1.50 6.96 23.56
CA THR B 147 0.97 5.61 23.74
C THR B 147 -0.51 5.67 24.18
N LYS B 148 -1.36 4.88 23.53
CA LYS B 148 -2.81 4.95 23.73
C LYS B 148 -3.44 3.59 23.40
N GLY B 149 -4.19 3.03 24.33
CA GLY B 149 -4.85 1.76 24.11
C GLY B 149 -6.04 1.88 23.18
N PRO B 150 -6.46 0.76 22.58
CA PRO B 150 -7.54 0.82 21.59
C PRO B 150 -8.94 0.93 22.18
N SER B 151 -9.85 1.39 21.33
CA SER B 151 -11.29 1.29 21.54
C SER B 151 -11.82 0.21 20.60
N VAL B 152 -12.57 -0.75 21.14
CA VAL B 152 -12.98 -1.92 20.38
C VAL B 152 -14.49 -1.91 20.19
N PHE B 153 -14.90 -1.98 18.92
CA PHE B 153 -16.29 -1.94 18.55
C PHE B 153 -16.66 -3.25 17.87
N PRO B 154 -17.91 -3.70 18.04
CA PRO B 154 -18.30 -4.97 17.44
C PRO B 154 -18.75 -4.81 15.99
N LEU B 155 -18.44 -5.83 15.20
CA LEU B 155 -18.94 -6.00 13.84
C LEU B 155 -19.93 -7.18 13.89
N ALA B 156 -21.18 -6.87 14.13
CA ALA B 156 -22.20 -7.88 14.44
C ALA B 156 -22.64 -8.61 13.19
N PRO B 157 -22.94 -9.91 13.31
CA PRO B 157 -23.39 -10.69 12.15
C PRO B 157 -24.71 -10.19 11.58
N SER B 158 -24.95 -10.44 10.29
CA SER B 158 -26.17 -10.03 9.60
C SER B 158 -27.43 -10.53 10.31
N SER B 159 -28.42 -9.66 10.43
CA SER B 159 -29.70 -10.03 11.03
C SER B 159 -30.49 -11.01 10.13
N LYS B 160 -29.97 -11.28 8.93
CA LYS B 160 -30.62 -12.18 7.99
C LYS B 160 -30.07 -13.60 8.07
N SER B 161 -29.06 -13.80 8.92
CA SER B 161 -28.48 -15.12 9.11
C SER B 161 -29.23 -15.84 10.24
N THR B 162 -30.48 -16.18 9.93
CA THR B 162 -31.45 -16.66 10.92
C THR B 162 -31.73 -18.15 10.75
N SER B 163 -31.13 -18.75 9.73
CA SER B 163 -31.32 -20.16 9.43
C SER B 163 -29.94 -20.82 9.36
N GLY B 164 -29.64 -21.53 8.28
CA GLY B 164 -28.35 -22.17 8.12
C GLY B 164 -27.32 -21.33 7.37
N GLY B 165 -26.26 -21.98 6.90
CA GLY B 165 -25.16 -21.30 6.25
C GLY B 165 -24.18 -20.78 7.30
N THR B 166 -23.33 -19.84 6.89
CA THR B 166 -22.34 -19.27 7.79
C THR B 166 -22.50 -17.76 7.89
N ALA B 167 -21.84 -17.18 8.87
CA ALA B 167 -21.94 -15.76 9.14
C ALA B 167 -20.58 -15.23 9.57
N ALA B 168 -20.21 -14.08 9.02
CA ALA B 168 -19.02 -13.36 9.42
C ALA B 168 -19.38 -12.39 10.53
N LEU B 169 -18.52 -12.35 11.55
CA LEU B 169 -18.62 -11.35 12.62
C LEU B 169 -17.20 -10.93 13.02
N GLY B 170 -17.05 -9.76 13.64
CA GLY B 170 -15.73 -9.27 13.93
C GLY B 170 -15.67 -8.20 15.00
N CYS B 171 -14.47 -7.69 15.21
CA CYS B 171 -14.30 -6.49 16.01
C CYS B 171 -13.41 -5.48 15.27
N LEU B 172 -13.79 -4.21 15.41
CA LEU B 172 -13.04 -3.10 14.87
C LEU B 172 -12.24 -2.48 16.02
N VAL B 173 -10.92 -2.54 15.89
CA VAL B 173 -10.01 -2.10 16.94
C VAL B 173 -9.45 -0.75 16.51
N LYS B 174 -9.92 0.31 17.14
CA LYS B 174 -9.66 1.67 16.68
C LYS B 174 -8.75 2.48 17.59
N ASP B 175 -7.99 3.37 16.96
CA ASP B 175 -7.38 4.52 17.64
C ASP B 175 -6.36 4.17 18.72
N TYR B 176 -5.39 3.32 18.37
CA TYR B 176 -4.31 2.98 19.28
C TYR B 176 -2.96 3.39 18.71
N PHE B 177 -1.98 3.46 19.60
CA PHE B 177 -0.62 3.81 19.22
C PHE B 177 0.30 3.38 20.34
N PRO B 178 1.48 2.87 20.00
CA PRO B 178 2.00 2.50 18.69
C PRO B 178 1.51 1.10 18.29
N GLU B 179 1.94 0.59 17.15
CA GLU B 179 1.72 -0.81 16.85
C GLU B 179 2.56 -1.66 17.83
N PRO B 180 2.20 -2.93 18.05
CA PRO B 180 1.08 -3.68 17.47
C PRO B 180 0.01 -4.04 18.49
N VAL B 181 -1.12 -4.44 17.92
CA VAL B 181 -2.20 -5.12 18.62
C VAL B 181 -2.21 -6.56 18.12
N THR B 182 -2.53 -7.51 19.00
CA THR B 182 -2.86 -8.88 18.59
C THR B 182 -4.29 -9.18 19.05
N VAL B 183 -4.95 -10.09 18.35
CA VAL B 183 -6.34 -10.42 18.63
C VAL B 183 -6.52 -11.91 18.64
N SER B 184 -7.28 -12.41 19.61
CA SER B 184 -7.73 -13.81 19.57
C SER B 184 -9.24 -13.80 19.73
N TRP B 185 -9.84 -14.99 19.57
CA TRP B 185 -11.27 -15.17 19.76
C TRP B 185 -11.56 -16.27 20.77
N ASN B 186 -12.50 -15.98 21.66
CA ASN B 186 -12.92 -16.91 22.71
C ASN B 186 -11.70 -17.48 23.42
N SER B 187 -10.77 -16.58 23.74
CA SER B 187 -9.53 -16.91 24.44
C SER B 187 -8.69 -18.00 23.78
N GLY B 188 -8.71 -18.07 22.44
CA GLY B 188 -7.93 -19.05 21.73
C GLY B 188 -8.67 -20.34 21.38
N ALA B 189 -9.92 -20.46 21.84
CA ALA B 189 -10.74 -21.64 21.52
C ALA B 189 -11.11 -21.63 20.06
N LEU B 190 -11.15 -20.43 19.50
CA LEU B 190 -11.58 -20.25 18.12
C LEU B 190 -10.43 -19.75 17.26
N THR B 191 -10.00 -20.59 16.31
CA THR B 191 -8.85 -20.29 15.47
C THR B 191 -9.14 -20.50 13.99
N SER B 192 -9.96 -21.49 13.66
CA SER B 192 -10.36 -21.72 12.27
C SER B 192 -11.27 -20.60 11.79
N GLY B 193 -11.00 -20.12 10.59
CA GLY B 193 -11.82 -19.09 9.99
C GLY B 193 -11.57 -17.71 10.59
N VAL B 194 -10.56 -17.60 11.47
CA VAL B 194 -10.16 -16.31 12.01
C VAL B 194 -9.16 -15.60 11.09
N HIS B 195 -9.39 -14.32 10.84
CA HIS B 195 -8.38 -13.52 10.16
C HIS B 195 -8.28 -12.13 10.78
N THR B 196 -7.06 -11.74 11.11
CA THR B 196 -6.80 -10.43 11.60
C THR B 196 -6.02 -9.65 10.56
N PHE B 197 -6.54 -8.48 10.21
CA PHE B 197 -6.02 -7.69 9.12
C PHE B 197 -4.87 -6.80 9.55
N PRO B 198 -4.04 -6.37 8.58
CA PRO B 198 -3.04 -5.33 8.82
C PRO B 198 -3.69 -4.04 9.29
N ALA B 199 -2.96 -3.25 10.05
CA ALA B 199 -3.43 -1.94 10.50
C ALA B 199 -3.37 -0.88 9.41
N VAL B 200 -4.21 0.13 9.58
CA VAL B 200 -4.19 1.34 8.79
C VAL B 200 -3.84 2.53 9.69
N LEU B 201 -2.94 3.39 9.23
CA LEU B 201 -2.65 4.63 9.94
C LEU B 201 -3.65 5.71 9.51
N GLN B 202 -4.37 6.26 10.48
CA GLN B 202 -5.35 7.29 10.18
C GLN B 202 -4.68 8.66 10.17
N SER B 203 -5.38 9.66 9.64
CA SER B 203 -4.79 10.99 9.52
C SER B 203 -4.50 11.55 10.90
N SER B 204 -5.22 11.04 11.90
CA SER B 204 -4.97 11.40 13.29
C SER B 204 -3.59 10.95 13.78
N GLY B 205 -2.95 10.00 13.09
CA GLY B 205 -1.70 9.43 13.58
C GLY B 205 -1.90 8.23 14.51
N LEU B 206 -3.14 7.75 14.57
CA LEU B 206 -3.48 6.56 15.32
C LEU B 206 -3.80 5.42 14.36
N TYR B 207 -3.61 4.19 14.84
CA TYR B 207 -3.84 3.00 14.00
C TYR B 207 -5.22 2.41 14.27
N SER B 208 -5.73 1.69 13.26
CA SER B 208 -6.91 0.86 13.40
C SER B 208 -6.76 -0.43 12.62
N LEU B 209 -7.40 -1.48 13.11
CA LEU B 209 -7.43 -2.74 12.39
C LEU B 209 -8.74 -3.44 12.67
N SER B 210 -8.98 -4.54 11.95
CA SER B 210 -10.14 -5.38 12.13
C SER B 210 -9.72 -6.83 12.28
N SER B 211 -10.56 -7.57 12.98
CA SER B 211 -10.44 -9.02 13.06
C SER B 211 -11.81 -9.63 12.81
N VAL B 212 -11.82 -10.74 12.07
CA VAL B 212 -13.07 -11.35 11.64
C VAL B 212 -12.99 -12.85 11.84
N VAL B 213 -14.15 -13.44 12.09
CA VAL B 213 -14.29 -14.88 12.17
C VAL B 213 -15.59 -15.28 11.48
N THR B 214 -15.55 -16.38 10.73
CA THR B 214 -16.74 -16.90 10.10
C THR B 214 -17.18 -18.13 10.85
N VAL B 215 -18.46 -18.15 11.22
CA VAL B 215 -19.00 -19.19 12.09
C VAL B 215 -20.33 -19.70 11.53
N PRO B 216 -20.81 -20.85 12.01
CA PRO B 216 -22.11 -21.38 11.56
C PRO B 216 -23.24 -20.44 11.95
N SER B 217 -24.16 -20.13 11.04
CA SER B 217 -25.27 -19.25 11.39
C SER B 217 -26.10 -19.85 12.51
N SER B 218 -26.22 -21.18 12.52
CA SER B 218 -27.05 -21.87 13.50
C SER B 218 -26.53 -21.67 14.92
N SER B 219 -25.27 -21.28 15.05
CA SER B 219 -24.66 -21.08 16.38
C SER B 219 -24.90 -19.69 16.98
N LEU B 220 -25.42 -18.76 16.18
CA LEU B 220 -25.45 -17.36 16.61
C LEU B 220 -26.33 -17.14 17.83
N GLY B 221 -27.34 -17.98 17.99
CA GLY B 221 -28.25 -17.85 19.11
C GLY B 221 -27.83 -18.59 20.36
N THR B 222 -26.73 -19.34 20.29
CA THR B 222 -26.37 -20.24 21.37
C THR B 222 -24.91 -20.12 21.83
N GLN B 223 -24.03 -19.71 20.93
CA GLN B 223 -22.60 -19.59 21.24
C GLN B 223 -22.23 -18.12 21.43
N THR B 224 -21.50 -17.85 22.51
CA THR B 224 -20.96 -16.52 22.74
C THR B 224 -19.64 -16.33 22.01
N TYR B 225 -19.49 -15.17 21.39
CA TYR B 225 -18.26 -14.81 20.69
C TYR B 225 -17.68 -13.53 21.28
N ILE B 226 -16.41 -13.62 21.67
CA ILE B 226 -15.68 -12.54 22.32
C ILE B 226 -14.34 -12.38 21.63
N CYS B 227 -14.02 -11.16 21.21
CA CYS B 227 -12.71 -10.91 20.66
C CYS B 227 -11.85 -10.34 21.78
N ASN B 228 -10.66 -10.89 21.90
CA ASN B 228 -9.68 -10.52 22.93
C ASN B 228 -8.56 -9.75 22.29
N VAL B 229 -8.44 -8.49 22.65
CA VAL B 229 -7.48 -7.60 22.06
C VAL B 229 -6.37 -7.33 23.06
N ASN B 230 -5.12 -7.47 22.63
CA ASN B 230 -3.97 -7.20 23.49
C ASN B 230 -3.13 -6.07 22.90
N HIS B 231 -2.90 -5.03 23.70
CA HIS B 231 -2.05 -3.92 23.29
C HIS B 231 -0.99 -3.70 24.37
N LYS B 232 0.12 -4.43 24.23
CA LYS B 232 1.16 -4.45 25.26
C LYS B 232 1.79 -3.06 25.51
N PRO B 233 1.97 -2.26 24.45
CA PRO B 233 2.61 -0.96 24.70
C PRO B 233 1.91 -0.10 25.76
N SER B 234 0.58 -0.22 25.85
CA SER B 234 -0.16 0.55 26.84
C SER B 234 -0.61 -0.31 28.03
N ASN B 235 -0.16 -1.57 28.07
CA ASN B 235 -0.57 -2.51 29.10
C ASN B 235 -2.10 -2.65 29.19
N THR B 236 -2.74 -2.72 28.02
CA THR B 236 -4.18 -2.79 27.94
C THR B 236 -4.60 -4.09 27.27
N LYS B 237 -5.61 -4.74 27.83
CA LYS B 237 -6.34 -5.78 27.12
C LYS B 237 -7.81 -5.46 27.14
N VAL B 238 -8.49 -5.73 26.03
CA VAL B 238 -9.94 -5.57 25.96
C VAL B 238 -10.59 -6.86 25.49
N ASP B 239 -11.66 -7.26 26.19
CA ASP B 239 -12.51 -8.35 25.72
C ASP B 239 -13.88 -7.75 25.32
N LYS B 240 -14.27 -7.96 24.07
CA LYS B 240 -15.50 -7.39 23.57
C LYS B 240 -16.42 -8.49 23.06
N ARG B 241 -17.59 -8.61 23.70
CA ARG B 241 -18.60 -9.55 23.24
C ARG B 241 -19.28 -9.02 21.98
N VAL B 242 -19.38 -9.88 20.98
CA VAL B 242 -19.95 -9.49 19.71
C VAL B 242 -21.24 -10.26 19.60
N GLU B 243 -22.36 -9.57 19.67
CA GLU B 243 -23.63 -10.28 19.66
C GLU B 243 -24.51 -9.95 18.47
N PRO B 244 -25.48 -10.83 18.19
CA PRO B 244 -26.47 -10.53 17.14
C PRO B 244 -27.17 -9.22 17.42
N LYS B 245 -27.56 -8.55 16.34
CA LYS B 245 -28.28 -7.29 16.41
C LYS B 245 -29.76 -7.49 16.75
N SER B 246 -30.33 -6.54 17.48
CA SER B 246 -31.78 -6.49 17.68
C SER B 246 -32.37 -5.51 16.68
N CYS B 247 -33.39 -5.95 15.93
CA CYS B 247 -34.04 -5.07 14.95
C CYS B 247 -35.53 -5.37 14.81
#